data_3G6B
#
_entry.id   3G6B
#
_cell.length_a   69.353
_cell.length_b   25.698
_cell.length_c   119.920
_cell.angle_alpha   90.00
_cell.angle_beta   94.13
_cell.angle_gamma   90.00
#
_symmetry.space_group_name_H-M   'P 1 21 1'
#
loop_
_entity.id
_entity.type
_entity.pdbx_description
1 polymer 'Methyl-accepting chemotaxis protein'
2 water water
#
_entity_poly.entity_id   1
_entity_poly.type   'polypeptide(L)'
_entity_poly.pdbx_seq_one_letter_code
;RIEEVKERFVNLNRLFQELVGDFQAKSDQLVSVIQDMEKISENIMEELKKSGTNVDQIVERVKEASSQIGETLENIRSIE
KLIQNIMRIARETNILALNATIEAARAGEAGKGFMIVANEVQNLSNETNEVTKQIVEKAREILESSQRSLENLEFMANLF
ETVGKTLQNMVRFMENIVKLLQEVRNSLDTSKESLSEKSAEIDSATKVLEETA
;
_entity_poly.pdbx_strand_id   A,B
#
# COMPACT_ATOMS: atom_id res chain seq x y z
N ARG A 1 34.37 70.62 -3.27
CA ARG A 1 34.17 69.45 -2.37
C ARG A 1 32.97 68.63 -2.80
N ILE A 2 31.87 69.32 -3.10
CA ILE A 2 30.63 68.70 -3.54
C ILE A 2 30.89 67.55 -4.50
N GLU A 3 31.92 67.73 -5.33
CA GLU A 3 32.28 66.74 -6.33
C GLU A 3 32.67 65.37 -5.81
N GLU A 4 33.51 65.29 -4.78
CA GLU A 4 33.93 63.99 -4.26
C GLU A 4 32.71 63.21 -3.78
N VAL A 5 31.73 63.95 -3.26
CA VAL A 5 30.49 63.36 -2.77
C VAL A 5 29.64 62.95 -3.97
N LYS A 6 29.62 63.82 -4.98
CA LYS A 6 28.89 63.59 -6.22
C LYS A 6 29.37 62.31 -6.93
N GLU A 7 30.69 62.14 -7.04
CA GLU A 7 31.25 60.96 -7.68
C GLU A 7 31.00 59.73 -6.85
N ARG A 8 31.11 59.89 -5.52
CA ARG A 8 30.92 58.79 -4.60
C ARG A 8 29.49 58.27 -4.75
N PHE A 9 28.56 59.23 -4.79
CA PHE A 9 27.15 58.94 -4.94
C PHE A 9 26.86 58.21 -6.24
N VAL A 10 27.43 58.69 -7.34
CA VAL A 10 27.22 58.05 -8.63
C VAL A 10 27.71 56.61 -8.57
N ASN A 11 28.99 56.45 -8.26
CA ASN A 11 29.62 55.13 -8.18
C ASN A 11 28.80 54.16 -7.36
N LEU A 12 28.39 54.61 -6.18
CA LEU A 12 27.55 53.83 -5.27
C LEU A 12 26.20 53.54 -5.93
N ASN A 13 25.58 54.55 -6.54
CA ASN A 13 24.31 54.37 -7.22
C ASN A 13 24.49 53.32 -8.30
N ARG A 14 25.49 53.49 -9.15
CA ARG A 14 25.77 52.55 -10.23
C ARG A 14 25.85 51.11 -9.73
N LEU A 15 26.55 50.90 -8.62
CA LEU A 15 26.67 49.58 -8.03
C LEU A 15 25.37 49.19 -7.39
N PHE A 16 24.71 50.17 -6.76
CA PHE A 16 23.43 49.92 -6.11
C PHE A 16 22.47 49.30 -7.09
N GLN A 17 22.43 49.86 -8.29
CA GLN A 17 21.58 49.41 -9.36
C GLN A 17 21.89 47.99 -9.79
N GLU A 18 23.17 47.71 -10.02
CA GLU A 18 23.58 46.38 -10.43
C GLU A 18 23.03 45.30 -9.49
N LEU A 19 23.09 45.55 -8.17
CA LEU A 19 22.60 44.60 -7.16
C LEU A 19 21.10 44.44 -7.19
N VAL A 20 20.41 45.55 -7.38
CA VAL A 20 18.96 45.54 -7.46
C VAL A 20 18.60 44.80 -8.74
N GLY A 21 19.30 45.11 -9.83
CA GLY A 21 19.05 44.44 -11.09
C GLY A 21 19.28 42.93 -10.99
N ASP A 22 20.22 42.53 -10.15
CA ASP A 22 20.54 41.13 -9.98
C ASP A 22 19.47 40.42 -9.15
N PHE A 23 18.91 41.13 -8.17
CA PHE A 23 17.86 40.56 -7.34
C PHE A 23 16.68 40.26 -8.25
N GLN A 24 16.35 41.20 -9.14
CA GLN A 24 15.23 41.05 -10.05
C GLN A 24 15.39 39.80 -10.93
N ALA A 25 16.60 39.60 -11.46
CA ALA A 25 16.88 38.46 -12.29
C ALA A 25 16.72 37.18 -11.50
N LYS A 26 17.22 37.14 -10.26
CA LYS A 26 17.08 35.93 -9.46
C LYS A 26 15.64 35.76 -9.03
N SER A 27 15.01 36.87 -8.66
CA SER A 27 13.64 36.83 -8.23
C SER A 27 12.75 36.24 -9.32
N ASP A 28 12.93 36.67 -10.56
CA ASP A 28 12.13 36.16 -11.68
C ASP A 28 12.26 34.65 -11.88
N GLN A 29 13.50 34.15 -11.87
CA GLN A 29 13.75 32.72 -12.06
C GLN A 29 13.19 31.87 -10.91
N LEU A 30 13.12 32.43 -9.70
CA LEU A 30 12.56 31.68 -8.59
C LEU A 30 11.07 31.64 -8.82
N VAL A 31 10.51 32.77 -9.25
CA VAL A 31 9.10 32.87 -9.53
C VAL A 31 8.69 31.91 -10.64
N SER A 32 9.63 31.58 -11.53
CA SER A 32 9.32 30.66 -12.61
C SER A 32 9.22 29.24 -12.04
N VAL A 33 10.06 28.94 -11.06
CA VAL A 33 10.08 27.62 -10.43
C VAL A 33 8.85 27.46 -9.58
N ILE A 34 8.51 28.51 -8.83
CA ILE A 34 7.33 28.51 -7.97
C ILE A 34 6.10 28.16 -8.78
N GLN A 35 5.89 28.83 -9.91
CA GLN A 35 4.73 28.56 -10.77
C GLN A 35 4.68 27.13 -11.33
N ASP A 36 5.84 26.61 -11.67
CA ASP A 36 5.96 25.26 -12.18
C ASP A 36 5.74 24.31 -11.00
N MET A 37 6.02 24.81 -9.80
CA MET A 37 5.86 24.02 -8.59
C MET A 37 4.42 23.95 -8.14
N GLU A 38 3.63 24.99 -8.45
CA GLU A 38 2.22 25.05 -8.09
C GLU A 38 1.41 24.04 -8.88
N LYS A 39 1.76 23.89 -10.16
CA LYS A 39 1.11 22.95 -11.03
C LYS A 39 1.39 21.51 -10.58
N ILE A 40 2.66 21.16 -10.42
CA ILE A 40 3.05 19.82 -9.99
C ILE A 40 2.26 19.47 -8.72
N SER A 41 2.12 20.48 -7.86
CA SER A 41 1.38 20.38 -6.61
C SER A 41 -0.08 20.00 -6.85
N GLU A 42 -0.63 20.52 -7.94
CA GLU A 42 -2.00 20.24 -8.29
C GLU A 42 -2.19 18.79 -8.74
N ASN A 43 -1.18 18.18 -9.35
CA ASN A 43 -1.30 16.79 -9.80
C ASN A 43 -1.08 15.79 -8.69
N ILE A 44 -0.03 16.01 -7.91
CA ILE A 44 0.27 15.15 -6.78
C ILE A 44 -0.95 15.12 -5.84
N MET A 45 -1.74 16.20 -5.84
CA MET A 45 -2.95 16.27 -5.04
C MET A 45 -4.04 15.38 -5.64
N GLU A 46 -4.08 15.28 -6.96
CA GLU A 46 -5.07 14.43 -7.61
C GLU A 46 -4.70 12.98 -7.41
N GLU A 47 -3.41 12.68 -7.56
CA GLU A 47 -2.91 11.31 -7.36
C GLU A 47 -3.26 10.84 -5.94
N LEU A 48 -3.06 11.73 -4.95
CA LEU A 48 -3.34 11.41 -3.55
C LEU A 48 -4.76 10.97 -3.28
N LYS A 49 -5.69 11.72 -3.84
CA LYS A 49 -7.11 11.43 -3.68
C LYS A 49 -7.49 10.16 -4.44
N LYS A 50 -6.78 9.86 -5.53
CA LYS A 50 -7.07 8.66 -6.30
C LYS A 50 -6.59 7.46 -5.51
N SER A 51 -5.51 7.64 -4.77
CA SER A 51 -4.97 6.57 -3.94
C SER A 51 -5.89 6.39 -2.76
N GLY A 52 -6.45 7.51 -2.30
CA GLY A 52 -7.37 7.47 -1.18
C GLY A 52 -8.58 6.62 -1.52
N THR A 53 -9.08 6.75 -2.74
CA THR A 53 -10.23 5.97 -3.16
C THR A 53 -9.83 4.54 -3.48
N ASN A 54 -8.59 4.36 -3.93
CA ASN A 54 -8.10 3.01 -4.22
C ASN A 54 -8.01 2.24 -2.92
N VAL A 55 -7.38 2.82 -1.92
CA VAL A 55 -7.24 2.17 -0.63
C VAL A 55 -8.61 1.80 -0.07
N ASP A 56 -9.59 2.69 -0.22
CA ASP A 56 -10.96 2.44 0.26
C ASP A 56 -11.52 1.16 -0.35
N GLN A 57 -11.14 0.91 -1.61
CA GLN A 57 -11.59 -0.26 -2.34
C GLN A 57 -10.93 -1.50 -1.75
N ILE A 58 -9.62 -1.41 -1.49
CA ILE A 58 -8.91 -2.52 -0.91
C ILE A 58 -9.45 -2.83 0.47
N VAL A 59 -9.80 -1.79 1.23
CA VAL A 59 -10.36 -1.95 2.58
C VAL A 59 -11.58 -2.86 2.52
N GLU A 60 -12.42 -2.64 1.50
CA GLU A 60 -13.62 -3.43 1.30
C GLU A 60 -13.33 -4.81 0.73
N ARG A 61 -12.31 -4.89 -0.13
CA ARG A 61 -11.94 -6.16 -0.74
C ARG A 61 -11.38 -7.16 0.23
N VAL A 62 -10.59 -6.70 1.20
CA VAL A 62 -10.02 -7.62 2.18
C VAL A 62 -11.14 -8.19 3.03
N LYS A 63 -12.17 -7.39 3.28
CA LYS A 63 -13.30 -7.84 4.09
C LYS A 63 -13.96 -8.99 3.34
N GLU A 64 -13.91 -8.91 2.02
CA GLU A 64 -14.48 -9.93 1.15
C GLU A 64 -13.64 -11.21 1.20
N ALA A 65 -12.32 -11.06 1.05
CA ALA A 65 -11.42 -12.21 1.07
C ALA A 65 -11.48 -12.99 2.37
N SER A 66 -11.79 -12.30 3.48
CA SER A 66 -11.90 -12.94 4.78
C SER A 66 -13.16 -13.79 4.83
N SER A 67 -14.18 -13.34 4.09
CA SER A 67 -15.44 -14.05 4.01
C SER A 67 -15.23 -15.33 3.21
N GLN A 68 -14.42 -15.24 2.15
CA GLN A 68 -14.10 -16.38 1.29
C GLN A 68 -13.33 -17.44 2.06
N ILE A 69 -12.37 -17.01 2.86
CA ILE A 69 -11.57 -17.94 3.66
C ILE A 69 -12.48 -18.60 4.68
N GLY A 70 -13.39 -17.80 5.23
CA GLY A 70 -14.32 -18.31 6.23
C GLY A 70 -15.27 -19.35 5.67
N GLU A 71 -15.58 -19.22 4.39
CA GLU A 71 -16.48 -20.14 3.70
C GLU A 71 -15.77 -21.48 3.48
N THR A 72 -14.48 -21.42 3.16
CA THR A 72 -13.67 -22.61 2.94
C THR A 72 -13.71 -23.35 4.27
N LEU A 73 -13.65 -22.59 5.37
CA LEU A 73 -13.69 -23.12 6.72
C LEU A 73 -14.95 -23.97 6.90
N GLU A 74 -16.10 -23.37 6.60
CA GLU A 74 -17.36 -24.08 6.71
C GLU A 74 -17.28 -25.39 5.91
N ASN A 75 -16.84 -25.30 4.65
CA ASN A 75 -16.71 -26.46 3.77
C ASN A 75 -15.81 -27.53 4.34
N ILE A 76 -14.60 -27.14 4.74
CA ILE A 76 -13.67 -28.10 5.27
C ILE A 76 -14.21 -28.86 6.48
N ARG A 77 -14.97 -28.17 7.34
CA ARG A 77 -15.59 -28.82 8.50
C ARG A 77 -16.67 -29.79 8.01
N SER A 78 -17.39 -29.38 6.98
CA SER A 78 -18.44 -30.18 6.37
C SER A 78 -17.86 -31.47 5.76
N ILE A 79 -16.59 -31.42 5.38
CA ILE A 79 -15.87 -32.56 4.83
C ILE A 79 -15.57 -33.53 5.98
N GLU A 80 -14.97 -33.02 7.05
CA GLU A 80 -14.63 -33.82 8.23
C GLU A 80 -15.82 -34.62 8.78
N LYS A 81 -16.98 -33.98 8.80
CA LYS A 81 -18.21 -34.63 9.26
C LYS A 81 -18.51 -35.80 8.32
N LEU A 82 -18.47 -35.54 7.02
CA LEU A 82 -18.72 -36.59 6.01
C LEU A 82 -17.66 -37.69 6.07
N ILE A 83 -16.42 -37.30 6.37
CA ILE A 83 -15.35 -38.28 6.48
C ILE A 83 -15.56 -39.24 7.66
N GLN A 84 -16.10 -38.73 8.76
CA GLN A 84 -16.39 -39.55 9.95
C GLN A 84 -17.46 -40.55 9.57
N ASN A 85 -18.43 -40.10 8.77
CA ASN A 85 -19.53 -40.93 8.31
C ASN A 85 -18.98 -42.15 7.55
N ILE A 86 -18.09 -41.91 6.59
CA ILE A 86 -17.44 -42.98 5.81
C ILE A 86 -16.71 -43.96 6.72
N MET A 87 -15.97 -43.40 7.68
CA MET A 87 -15.18 -44.13 8.66
C MET A 87 -16.08 -45.11 9.45
N ARG A 88 -17.25 -44.63 9.87
CA ARG A 88 -18.23 -45.44 10.59
C ARG A 88 -18.63 -46.60 9.69
N ILE A 89 -18.99 -46.26 8.46
CA ILE A 89 -19.41 -47.24 7.47
C ILE A 89 -18.32 -48.27 7.24
N ALA A 90 -17.06 -47.85 7.32
CA ALA A 90 -15.95 -48.77 7.13
C ALA A 90 -15.90 -49.78 8.28
N ARG A 91 -16.09 -49.30 9.51
CA ARG A 91 -16.08 -50.16 10.70
C ARG A 91 -17.19 -51.18 10.61
N GLU A 92 -18.38 -50.71 10.23
CA GLU A 92 -19.56 -51.53 10.08
C GLU A 92 -19.38 -52.58 9.01
N THR A 93 -18.73 -52.21 7.91
CA THR A 93 -18.48 -53.15 6.81
C THR A 93 -17.51 -54.22 7.33
N ASN A 94 -16.54 -53.79 8.13
CA ASN A 94 -15.52 -54.68 8.68
C ASN A 94 -16.09 -55.81 9.55
N ILE A 95 -17.04 -55.48 10.44
CA ILE A 95 -17.61 -56.54 11.29
C ILE A 95 -18.55 -57.41 10.45
N LEU A 96 -19.17 -56.79 9.45
CA LEU A 96 -20.05 -57.54 8.55
C LEU A 96 -19.18 -58.60 7.90
N ALA A 97 -18.01 -58.16 7.42
CA ALA A 97 -17.05 -59.04 6.77
C ALA A 97 -16.47 -60.02 7.79
N LEU A 98 -16.11 -59.52 8.97
CA LEU A 98 -15.58 -60.40 10.00
C LEU A 98 -16.59 -61.49 10.36
N ASN A 99 -17.87 -61.11 10.39
CA ASN A 99 -18.93 -62.07 10.69
C ASN A 99 -19.07 -63.07 9.56
N ALA A 100 -18.81 -62.63 8.34
CA ALA A 100 -18.91 -63.49 7.17
C ALA A 100 -17.83 -64.56 7.25
N THR A 101 -16.57 -64.15 7.45
CA THR A 101 -15.46 -65.10 7.57
C THR A 101 -15.79 -66.08 8.69
N ILE A 102 -16.13 -65.55 9.84
CA ILE A 102 -16.47 -66.39 10.97
C ILE A 102 -17.64 -67.39 10.72
N GLU A 103 -18.52 -67.07 9.77
CA GLU A 103 -19.64 -67.95 9.44
C GLU A 103 -19.32 -68.86 8.23
N ALA A 104 -18.20 -68.57 7.56
CA ALA A 104 -17.75 -69.33 6.44
C ALA A 104 -16.78 -70.35 7.03
N ALA A 105 -16.39 -70.14 8.28
CA ALA A 105 -15.51 -71.05 9.00
C ALA A 105 -16.46 -72.14 9.32
N ARG A 106 -17.56 -71.76 10.00
CA ARG A 106 -18.67 -72.66 10.41
C ARG A 106 -19.33 -73.52 9.32
N ALA A 107 -19.23 -73.16 8.03
CA ALA A 107 -19.86 -73.97 6.96
C ALA A 107 -18.81 -74.64 6.06
N GLY A 108 -18.12 -75.65 6.57
CA GLY A 108 -17.10 -76.37 5.80
C GLY A 108 -16.14 -75.72 4.84
N GLU A 109 -15.91 -76.28 3.66
CA GLU A 109 -15.03 -75.76 2.55
C GLU A 109 -15.96 -75.45 1.44
N ALA A 110 -17.24 -75.63 1.75
CA ALA A 110 -18.40 -75.38 0.93
C ALA A 110 -18.28 -73.83 0.79
N GLY A 111 -17.70 -73.20 1.78
CA GLY A 111 -17.37 -71.77 1.76
C GLY A 111 -15.99 -71.31 2.17
N LYS A 112 -14.99 -71.76 1.43
CA LYS A 112 -13.63 -71.35 1.71
C LYS A 112 -13.22 -70.47 0.56
N GLY A 113 -14.23 -70.01 -0.19
CA GLY A 113 -14.11 -69.07 -1.28
C GLY A 113 -14.71 -67.79 -0.72
N PHE A 114 -15.70 -67.89 0.18
CA PHE A 114 -16.34 -66.70 0.81
C PHE A 114 -15.43 -66.14 1.90
N MET A 115 -14.43 -66.97 2.24
CA MET A 115 -13.40 -66.68 3.22
C MET A 115 -12.50 -65.69 2.50
N ILE A 116 -12.16 -66.04 1.25
CA ILE A 116 -11.28 -65.24 0.40
C ILE A 116 -11.84 -63.85 0.14
N VAL A 117 -13.11 -63.81 -0.25
CA VAL A 117 -13.78 -62.55 -0.52
C VAL A 117 -13.98 -61.80 0.79
N ALA A 118 -14.48 -62.49 1.81
CA ALA A 118 -14.68 -61.86 3.10
C ALA A 118 -13.35 -61.27 3.59
N ASN A 119 -12.25 -61.99 3.36
CA ASN A 119 -10.94 -61.50 3.76
C ASN A 119 -10.57 -60.19 3.07
N GLU A 120 -10.77 -60.06 1.77
CA GLU A 120 -10.41 -58.75 1.23
C GLU A 120 -11.45 -57.65 1.44
N VAL A 121 -12.68 -58.03 1.79
CA VAL A 121 -13.70 -57.04 2.10
C VAL A 121 -13.13 -56.41 3.39
N GLN A 122 -12.56 -57.26 4.26
CA GLN A 122 -11.92 -56.76 5.48
C GLN A 122 -10.73 -55.88 5.10
N ASN A 123 -9.83 -56.40 4.28
CA ASN A 123 -8.66 -55.64 3.86
C ASN A 123 -8.99 -54.26 3.31
N LEU A 124 -10.06 -54.19 2.51
CA LEU A 124 -10.48 -52.92 1.93
C LEU A 124 -11.06 -52.00 3.00
N SER A 125 -11.58 -52.59 4.07
CA SER A 125 -12.11 -51.81 5.19
C SER A 125 -10.93 -51.11 5.83
N ASN A 126 -9.90 -51.86 6.18
CA ASN A 126 -8.76 -51.22 6.80
C ASN A 126 -8.06 -50.20 5.90
N GLU A 127 -8.13 -50.44 4.58
CA GLU A 127 -7.54 -49.54 3.59
C GLU A 127 -8.30 -48.22 3.68
N THR A 128 -9.62 -48.31 3.77
CA THR A 128 -10.45 -47.12 3.86
C THR A 128 -10.09 -46.34 5.11
N ASN A 129 -9.87 -47.04 6.21
CA ASN A 129 -9.49 -46.35 7.43
C ASN A 129 -8.17 -45.57 7.27
N GLU A 130 -7.13 -46.22 6.74
CA GLU A 130 -5.85 -45.54 6.55
C GLU A 130 -6.02 -44.27 5.74
N VAL A 131 -6.61 -44.43 4.55
CA VAL A 131 -6.84 -43.31 3.64
C VAL A 131 -7.49 -42.16 4.40
N THR A 132 -8.57 -42.47 5.11
CA THR A 132 -9.30 -41.47 5.87
C THR A 132 -8.42 -40.71 6.87
N LYS A 133 -7.49 -41.41 7.53
CA LYS A 133 -6.60 -40.73 8.47
C LYS A 133 -5.74 -39.67 7.76
N GLN A 134 -5.36 -39.94 6.52
CA GLN A 134 -4.59 -38.99 5.73
C GLN A 134 -5.48 -37.83 5.30
N ILE A 135 -6.78 -38.10 5.11
CA ILE A 135 -7.72 -37.05 4.70
C ILE A 135 -7.91 -36.07 5.85
N VAL A 136 -7.81 -36.57 7.08
CA VAL A 136 -7.93 -35.71 8.26
C VAL A 136 -6.65 -34.87 8.44
N GLU A 137 -5.51 -35.53 8.28
CA GLU A 137 -4.22 -34.85 8.37
C GLU A 137 -4.27 -33.67 7.40
N LYS A 138 -4.70 -33.95 6.19
CA LYS A 138 -4.80 -32.96 5.13
C LYS A 138 -5.86 -31.93 5.44
N ALA A 139 -7.02 -32.38 5.89
CA ALA A 139 -8.10 -31.46 6.20
C ALA A 139 -7.76 -30.51 7.35
N ARG A 140 -6.89 -30.93 8.27
CA ARG A 140 -6.51 -30.02 9.35
C ARG A 140 -5.52 -28.97 8.86
N GLU A 141 -4.55 -29.36 8.04
CA GLU A 141 -3.57 -28.43 7.53
C GLU A 141 -4.21 -27.28 6.75
N ILE A 142 -5.45 -27.50 6.30
CA ILE A 142 -6.18 -26.47 5.57
C ILE A 142 -6.69 -25.44 6.56
N LEU A 143 -7.22 -25.91 7.69
CA LEU A 143 -7.69 -25.03 8.75
C LEU A 143 -6.50 -24.21 9.28
N GLU A 144 -5.34 -24.86 9.36
CA GLU A 144 -4.10 -24.23 9.82
C GLU A 144 -3.71 -23.14 8.81
N SER A 145 -3.90 -23.42 7.52
CA SER A 145 -3.60 -22.47 6.46
C SER A 145 -4.66 -21.37 6.45
N SER A 146 -5.91 -21.77 6.67
CA SER A 146 -7.02 -20.86 6.69
C SER A 146 -6.91 -19.83 7.80
N GLN A 147 -6.61 -20.28 9.03
CA GLN A 147 -6.48 -19.37 10.16
C GLN A 147 -5.29 -18.41 9.92
N ARG A 148 -4.15 -18.99 9.55
CA ARG A 148 -2.94 -18.22 9.28
C ARG A 148 -3.16 -17.10 8.26
N SER A 149 -4.05 -17.34 7.29
CA SER A 149 -4.35 -16.35 6.25
C SER A 149 -5.45 -15.38 6.69
N LEU A 150 -6.18 -15.74 7.74
CA LEU A 150 -7.19 -14.84 8.29
C LEU A 150 -6.47 -13.84 9.18
N GLU A 151 -5.33 -14.27 9.74
CA GLU A 151 -4.53 -13.40 10.59
C GLU A 151 -3.71 -12.46 9.73
N ASN A 152 -3.19 -12.99 8.62
CA ASN A 152 -2.40 -12.20 7.68
C ASN A 152 -3.31 -11.15 7.05
N LEU A 153 -4.58 -11.50 6.82
CA LEU A 153 -5.51 -10.56 6.23
C LEU A 153 -5.92 -9.49 7.22
N GLU A 154 -5.94 -9.82 8.51
CA GLU A 154 -6.31 -8.87 9.55
C GLU A 154 -5.22 -7.80 9.70
N PHE A 155 -3.97 -8.23 9.67
CA PHE A 155 -2.84 -7.30 9.79
C PHE A 155 -2.76 -6.49 8.50
N MET A 156 -3.26 -7.07 7.42
CA MET A 156 -3.26 -6.39 6.13
C MET A 156 -4.32 -5.29 6.20
N ALA A 157 -5.51 -5.66 6.67
CA ALA A 157 -6.63 -4.73 6.80
C ALA A 157 -6.25 -3.44 7.52
N ASN A 158 -5.59 -3.60 8.66
CA ASN A 158 -5.15 -2.45 9.46
C ASN A 158 -3.97 -1.75 8.80
N LEU A 159 -3.17 -2.49 8.04
CA LEU A 159 -2.02 -1.87 7.38
C LEU A 159 -2.50 -0.91 6.30
N PHE A 160 -3.63 -1.23 5.67
CA PHE A 160 -4.20 -0.38 4.64
C PHE A 160 -4.83 0.85 5.25
N GLU A 161 -5.19 0.75 6.52
CA GLU A 161 -5.80 1.86 7.23
C GLU A 161 -4.73 2.91 7.54
N THR A 162 -3.53 2.49 7.97
CA THR A 162 -2.46 3.43 8.27
C THR A 162 -2.07 4.18 7.00
N VAL A 163 -2.13 3.48 5.87
CA VAL A 163 -1.81 4.10 4.59
C VAL A 163 -2.89 5.13 4.24
N GLY A 164 -4.15 4.81 4.52
CA GLY A 164 -5.23 5.74 4.22
C GLY A 164 -5.13 7.02 5.04
N LYS A 165 -4.60 6.86 6.25
CA LYS A 165 -4.40 7.95 7.18
C LYS A 165 -3.30 8.83 6.64
N THR A 166 -2.14 8.22 6.40
CA THR A 166 -0.98 8.94 5.87
C THR A 166 -1.35 9.76 4.65
N LEU A 167 -2.17 9.17 3.79
CA LEU A 167 -2.62 9.86 2.58
C LEU A 167 -3.46 11.07 2.93
N GLN A 168 -4.23 10.97 4.02
CA GLN A 168 -5.06 12.11 4.42
C GLN A 168 -4.21 13.23 4.98
N ASN A 169 -3.08 12.89 5.58
CA ASN A 169 -2.18 13.91 6.11
C ASN A 169 -1.45 14.60 4.96
N MET A 170 -1.06 13.80 3.95
CA MET A 170 -0.37 14.29 2.75
C MET A 170 -1.23 15.34 2.07
N VAL A 171 -2.53 15.08 2.00
CA VAL A 171 -3.43 16.02 1.38
C VAL A 171 -3.45 17.29 2.20
N ARG A 172 -3.40 17.14 3.52
CA ARG A 172 -3.42 18.28 4.43
C ARG A 172 -2.26 19.21 4.21
N PHE A 173 -1.08 18.59 4.14
CA PHE A 173 0.16 19.28 3.97
C PHE A 173 0.34 19.82 2.58
N MET A 174 -0.23 19.15 1.58
CA MET A 174 -0.17 19.61 0.16
C MET A 174 -0.96 20.91 0.04
N GLU A 175 -2.20 20.88 0.51
CA GLU A 175 -3.06 22.07 0.52
C GLU A 175 -2.24 23.12 1.32
N ASN A 176 -1.47 22.66 2.30
CA ASN A 176 -0.75 23.60 3.15
C ASN A 176 0.50 24.30 2.53
N ILE A 177 1.16 23.65 1.57
CA ILE A 177 2.27 24.28 0.87
C ILE A 177 1.81 24.98 -0.36
N VAL A 178 0.75 24.45 -0.96
CA VAL A 178 0.16 25.12 -2.15
C VAL A 178 -0.06 26.56 -1.68
N LYS A 179 -0.51 26.72 -0.43
CA LYS A 179 -0.73 28.02 0.19
C LYS A 179 0.61 28.76 0.32
N LEU A 180 1.59 28.08 0.91
CA LEU A 180 2.91 28.67 1.15
C LEU A 180 3.62 29.19 -0.10
N LEU A 181 3.48 28.47 -1.21
CA LEU A 181 4.10 28.86 -2.47
C LEU A 181 3.42 30.08 -3.02
N GLN A 182 2.08 30.07 -2.96
CA GLN A 182 1.26 31.17 -3.43
C GLN A 182 1.70 32.45 -2.73
N GLU A 183 1.81 32.40 -1.40
CA GLU A 183 2.21 33.56 -0.60
C GLU A 183 3.61 34.05 -0.98
N VAL A 184 4.56 33.13 -1.14
CA VAL A 184 5.90 33.52 -1.55
C VAL A 184 5.87 34.18 -2.94
N ARG A 185 5.17 33.58 -3.90
CA ARG A 185 5.08 34.18 -5.22
C ARG A 185 4.50 35.59 -5.13
N ASN A 186 3.37 35.75 -4.45
CA ASN A 186 2.72 37.06 -4.25
C ASN A 186 3.68 38.04 -3.62
N SER A 187 4.41 37.58 -2.60
CA SER A 187 5.36 38.42 -1.88
C SER A 187 6.48 38.94 -2.80
N LEU A 188 6.96 38.08 -3.70
CA LEU A 188 8.02 38.46 -4.63
C LEU A 188 7.49 39.39 -5.69
N ASP A 189 6.34 39.03 -6.26
CA ASP A 189 5.70 39.82 -7.29
C ASP A 189 5.58 41.30 -6.91
N THR A 190 4.98 41.60 -5.76
CA THR A 190 4.82 42.99 -5.34
C THR A 190 6.15 43.62 -4.92
N SER A 191 7.02 42.83 -4.27
CA SER A 191 8.32 43.35 -3.84
C SER A 191 9.21 43.71 -5.01
N LYS A 192 9.06 42.99 -6.12
CA LYS A 192 9.83 43.28 -7.33
C LYS A 192 9.34 44.57 -7.96
N GLU A 193 8.03 44.70 -8.04
CA GLU A 193 7.42 45.89 -8.64
C GLU A 193 7.71 47.18 -7.87
N SER A 194 7.62 47.16 -6.54
CA SER A 194 7.88 48.37 -5.76
C SER A 194 9.38 48.67 -5.63
N LEU A 195 10.20 47.63 -5.75
CA LEU A 195 11.63 47.82 -5.69
C LEU A 195 11.99 48.52 -6.99
N SER A 196 11.42 48.06 -8.09
CA SER A 196 11.68 48.67 -9.38
C SER A 196 11.28 50.15 -9.39
N GLU A 197 10.07 50.45 -8.90
CA GLU A 197 9.59 51.83 -8.87
C GLU A 197 10.48 52.73 -8.01
N LYS A 198 10.69 52.33 -6.76
CA LYS A 198 11.53 53.08 -5.81
C LYS A 198 12.97 53.26 -6.28
N SER A 199 13.57 52.20 -6.80
CA SER A 199 14.94 52.29 -7.27
C SER A 199 15.03 53.11 -8.56
N ALA A 200 14.00 53.05 -9.40
CA ALA A 200 13.99 53.83 -10.65
C ALA A 200 14.06 55.31 -10.29
N GLU A 201 13.29 55.70 -9.28
CA GLU A 201 13.26 57.08 -8.84
C GLU A 201 14.61 57.50 -8.24
N ILE A 202 15.24 56.66 -7.42
CA ILE A 202 16.55 57.03 -6.85
C ILE A 202 17.63 57.05 -7.94
N ASP A 203 17.43 56.30 -9.02
CA ASP A 203 18.40 56.30 -10.12
C ASP A 203 18.29 57.58 -10.94
N SER A 204 17.05 58.03 -11.11
CA SER A 204 16.72 59.24 -11.85
C SER A 204 17.25 60.47 -11.09
N ALA A 205 17.00 60.53 -9.78
CA ALA A 205 17.48 61.65 -8.97
C ALA A 205 19.01 61.72 -8.96
N THR A 206 19.68 60.57 -8.93
CA THR A 206 21.15 60.58 -8.95
C THR A 206 21.68 61.25 -10.19
N LYS A 207 21.16 60.84 -11.35
CA LYS A 207 21.58 61.41 -12.62
C LYS A 207 21.30 62.90 -12.67
N VAL A 208 20.21 63.34 -12.06
CA VAL A 208 19.90 64.76 -12.09
C VAL A 208 20.98 65.52 -11.36
N LEU A 209 21.52 64.88 -10.32
CA LEU A 209 22.58 65.48 -9.52
C LEU A 209 23.89 65.49 -10.28
N GLU A 210 24.28 64.30 -10.75
CA GLU A 210 25.51 64.06 -11.51
C GLU A 210 25.81 65.07 -12.63
N GLU A 211 24.76 65.64 -13.19
CA GLU A 211 24.92 66.61 -14.27
C GLU A 211 24.92 68.05 -13.82
N THR A 212 24.19 68.37 -12.75
CA THR A 212 24.14 69.74 -12.23
C THR A 212 25.26 69.99 -11.21
N ALA A 213 25.21 71.16 -10.57
CA ALA A 213 26.20 71.56 -9.58
C ALA A 213 27.60 71.64 -10.19
N ARG B 1 22.97 78.31 -2.41
CA ARG B 1 23.27 77.80 -3.74
C ARG B 1 23.97 76.44 -3.70
N ILE B 2 25.04 76.38 -2.92
CA ILE B 2 25.79 75.13 -2.74
C ILE B 2 25.10 74.37 -1.63
N GLU B 3 24.49 75.11 -0.72
CA GLU B 3 23.74 74.50 0.35
C GLU B 3 22.47 73.92 -0.28
N GLU B 4 22.07 74.52 -1.41
CA GLU B 4 20.89 74.11 -2.18
C GLU B 4 21.03 72.70 -2.74
N VAL B 5 22.20 72.38 -3.26
CA VAL B 5 22.46 71.06 -3.82
C VAL B 5 22.67 70.05 -2.70
N LYS B 6 22.95 70.54 -1.50
CA LYS B 6 23.16 69.66 -0.36
C LYS B 6 21.87 68.97 0.02
N GLU B 7 20.76 69.72 -0.07
CA GLU B 7 19.45 69.20 0.27
C GLU B 7 19.03 68.07 -0.66
N ARG B 8 19.64 68.04 -1.84
CA ARG B 8 19.35 67.01 -2.83
C ARG B 8 20.00 65.71 -2.41
N PHE B 9 21.25 65.79 -1.98
CA PHE B 9 21.98 64.63 -1.54
C PHE B 9 21.28 64.03 -0.35
N VAL B 10 21.08 64.82 0.70
CA VAL B 10 20.39 64.35 1.91
C VAL B 10 19.03 63.76 1.56
N ASN B 11 18.34 64.37 0.61
CA ASN B 11 17.05 63.85 0.16
C ASN B 11 17.30 62.47 -0.43
N LEU B 12 18.25 62.39 -1.37
CA LEU B 12 18.58 61.13 -2.02
C LEU B 12 18.96 60.05 -1.02
N ASN B 13 19.58 60.44 0.08
CA ASN B 13 19.98 59.48 1.10
C ASN B 13 18.72 58.95 1.76
N ARG B 14 17.74 59.84 1.96
CA ARG B 14 16.48 59.45 2.58
C ARG B 14 15.75 58.45 1.68
N LEU B 15 15.91 58.60 0.36
CA LEU B 15 15.27 57.67 -0.57
C LEU B 15 15.89 56.29 -0.46
N PHE B 16 17.22 56.26 -0.34
CA PHE B 16 17.95 55.00 -0.22
C PHE B 16 17.61 54.28 1.07
N GLN B 17 17.65 55.02 2.17
CA GLN B 17 17.37 54.47 3.47
C GLN B 17 15.96 53.90 3.57
N GLU B 18 14.97 54.63 3.05
CA GLU B 18 13.59 54.17 3.08
C GLU B 18 13.45 52.86 2.31
N LEU B 19 14.07 52.78 1.12
CA LEU B 19 14.00 51.55 0.31
C LEU B 19 14.62 50.34 1.02
N VAL B 20 15.87 50.48 1.48
CA VAL B 20 16.55 49.40 2.18
C VAL B 20 15.78 49.01 3.45
N GLY B 21 15.19 50.00 4.11
CA GLY B 21 14.41 49.74 5.31
C GLY B 21 13.21 48.85 4.99
N ASP B 22 12.62 49.05 3.82
CA ASP B 22 11.49 48.25 3.39
C ASP B 22 11.91 46.88 2.87
N PHE B 23 13.05 46.82 2.18
CA PHE B 23 13.54 45.54 1.67
C PHE B 23 13.86 44.61 2.87
N GLN B 24 14.44 45.16 3.93
CA GLN B 24 14.76 44.42 5.14
C GLN B 24 13.47 43.91 5.76
N ALA B 25 12.49 44.79 5.91
CA ALA B 25 11.22 44.44 6.52
C ALA B 25 10.55 43.31 5.76
N LYS B 26 10.38 43.50 4.45
CA LYS B 26 9.71 42.50 3.66
C LYS B 26 10.39 41.13 3.65
N SER B 27 11.71 41.11 3.42
CA SER B 27 12.44 39.85 3.38
C SER B 27 12.44 39.11 4.70
N ASP B 28 12.42 39.84 5.81
CA ASP B 28 12.40 39.19 7.10
C ASP B 28 11.03 38.61 7.39
N GLN B 29 9.98 39.29 6.94
CA GLN B 29 8.63 38.80 7.11
C GLN B 29 8.40 37.55 6.24
N LEU B 30 9.07 37.51 5.09
CA LEU B 30 8.98 36.39 4.17
C LEU B 30 9.78 35.20 4.71
N VAL B 31 10.97 35.45 5.22
CA VAL B 31 11.78 34.37 5.79
C VAL B 31 10.98 33.69 6.92
N SER B 32 10.27 34.51 7.70
CA SER B 32 9.47 34.01 8.81
C SER B 32 8.42 32.96 8.40
N VAL B 33 7.61 33.28 7.39
CA VAL B 33 6.58 32.35 6.94
C VAL B 33 7.21 31.06 6.43
N ILE B 34 8.33 31.18 5.71
CA ILE B 34 9.08 30.03 5.18
C ILE B 34 9.45 29.11 6.32
N GLN B 35 10.27 29.66 7.21
CA GLN B 35 10.75 28.98 8.38
C GLN B 35 9.65 28.36 9.25
N ASP B 36 8.46 28.96 9.29
CA ASP B 36 7.43 28.39 10.16
C ASP B 36 6.72 27.12 9.64
N MET B 37 7.33 26.49 8.62
CA MET B 37 6.82 25.28 7.99
C MET B 37 7.90 24.26 7.97
N GLU B 38 9.12 24.74 8.22
CA GLU B 38 10.36 23.92 8.26
C GLU B 38 10.34 22.92 9.48
N LYS B 39 9.24 22.93 10.27
CA LYS B 39 9.06 21.99 11.39
C LYS B 39 8.02 20.96 10.83
N ILE B 40 6.84 21.51 10.49
CA ILE B 40 5.71 20.75 9.91
C ILE B 40 6.21 19.90 8.73
N SER B 41 7.23 20.38 8.06
CA SER B 41 7.85 19.77 6.88
C SER B 41 8.64 18.51 7.25
N GLU B 42 9.30 18.59 8.41
CA GLU B 42 10.13 17.48 8.91
C GLU B 42 9.27 16.28 9.31
N ASN B 43 8.17 16.55 10.04
CA ASN B 43 7.29 15.47 10.45
C ASN B 43 6.81 14.73 9.21
N ILE B 44 6.58 15.47 8.13
CA ILE B 44 6.12 14.89 6.89
C ILE B 44 7.16 13.96 6.25
N MET B 45 8.40 14.44 6.13
CA MET B 45 9.44 13.61 5.53
C MET B 45 9.69 12.35 6.35
N GLU B 46 9.48 12.47 7.65
CA GLU B 46 9.63 11.36 8.58
C GLU B 46 8.47 10.41 8.38
N GLU B 47 7.32 10.99 8.09
CA GLU B 47 6.10 10.23 7.86
C GLU B 47 6.17 9.44 6.56
N LEU B 48 6.65 10.07 5.50
CA LEU B 48 6.77 9.38 4.22
C LEU B 48 7.71 8.19 4.36
N LYS B 49 8.83 8.40 5.06
CA LYS B 49 9.80 7.34 5.25
C LYS B 49 9.14 6.12 5.90
N LYS B 50 8.40 6.37 6.98
CA LYS B 50 7.68 5.30 7.69
C LYS B 50 6.59 4.68 6.83
N SER B 51 5.99 5.50 5.95
CA SER B 51 4.95 5.04 5.06
C SER B 51 5.51 4.01 4.09
N GLY B 52 6.76 4.20 3.69
CA GLY B 52 7.43 3.28 2.77
C GLY B 52 7.56 1.87 3.31
N THR B 53 7.87 1.77 4.60
CA THR B 53 8.02 0.49 5.28
C THR B 53 6.66 -0.20 5.22
N ASN B 54 5.59 0.56 5.48
CA ASN B 54 4.26 -0.01 5.46
C ASN B 54 3.93 -0.59 4.09
N VAL B 55 4.24 0.19 3.06
CA VAL B 55 4.02 -0.28 1.70
C VAL B 55 4.74 -1.61 1.58
N ASP B 56 6.06 -1.61 1.81
CA ASP B 56 6.86 -2.84 1.72
C ASP B 56 6.23 -4.00 2.49
N GLN B 57 5.74 -3.74 3.70
CA GLN B 57 5.12 -4.78 4.51
C GLN B 57 3.85 -5.33 3.88
N ILE B 58 3.08 -4.45 3.26
CA ILE B 58 1.84 -4.84 2.60
C ILE B 58 2.14 -5.70 1.38
N VAL B 59 3.05 -5.23 0.53
CA VAL B 59 3.47 -5.94 -0.68
C VAL B 59 3.86 -7.38 -0.36
N GLU B 60 4.56 -7.57 0.75
CA GLU B 60 4.95 -8.91 1.14
C GLU B 60 3.78 -9.69 1.70
N ARG B 61 2.97 -9.06 2.56
CA ARG B 61 1.81 -9.72 3.14
C ARG B 61 0.94 -10.32 2.05
N VAL B 62 0.60 -9.53 1.04
CA VAL B 62 -0.22 -9.99 -0.07
C VAL B 62 0.44 -11.22 -0.72
N LYS B 63 1.77 -11.17 -0.85
CA LYS B 63 2.52 -12.28 -1.43
C LYS B 63 2.34 -13.53 -0.56
N GLU B 64 2.36 -13.34 0.76
CA GLU B 64 2.20 -14.44 1.70
C GLU B 64 0.81 -15.03 1.63
N ALA B 65 -0.18 -14.17 1.52
CA ALA B 65 -1.56 -14.62 1.44
C ALA B 65 -1.72 -15.53 0.23
N SER B 66 -1.08 -15.15 -0.88
CA SER B 66 -1.14 -15.93 -2.12
C SER B 66 -0.54 -17.32 -2.05
N SER B 67 0.74 -17.39 -1.69
CA SER B 67 1.41 -18.68 -1.58
C SER B 67 0.65 -19.58 -0.60
N GLN B 68 -0.03 -18.97 0.38
CA GLN B 68 -0.79 -19.72 1.36
C GLN B 68 -2.02 -20.37 0.74
N ILE B 69 -2.70 -19.65 -0.15
CA ILE B 69 -3.86 -20.17 -0.86
C ILE B 69 -3.40 -21.28 -1.79
N GLY B 70 -2.22 -21.08 -2.38
CA GLY B 70 -1.65 -22.09 -3.27
C GLY B 70 -1.42 -23.38 -2.51
N GLU B 71 -1.29 -23.27 -1.20
CA GLU B 71 -1.06 -24.43 -0.33
C GLU B 71 -2.31 -25.24 -0.16
N THR B 72 -3.41 -24.60 0.21
CA THR B 72 -4.65 -25.35 0.40
C THR B 72 -5.03 -25.97 -0.94
N LEU B 73 -4.69 -25.30 -2.03
CA LEU B 73 -4.95 -25.81 -3.38
C LEU B 73 -4.26 -27.16 -3.51
N GLU B 74 -2.99 -27.22 -3.12
CA GLU B 74 -2.23 -28.46 -3.17
C GLU B 74 -2.91 -29.45 -2.23
N ASN B 75 -3.32 -28.98 -1.06
CA ASN B 75 -3.98 -29.84 -0.08
C ASN B 75 -5.30 -30.40 -0.62
N ILE B 76 -6.02 -29.58 -1.38
CA ILE B 76 -7.27 -30.01 -1.98
C ILE B 76 -6.96 -31.03 -3.04
N ARG B 77 -5.94 -30.76 -3.84
CA ARG B 77 -5.54 -31.67 -4.89
C ARG B 77 -5.26 -33.07 -4.32
N SER B 78 -4.79 -33.14 -3.08
CA SER B 78 -4.52 -34.43 -2.46
C SER B 78 -5.79 -35.09 -1.90
N ILE B 79 -6.65 -34.30 -1.26
CA ILE B 79 -7.89 -34.83 -0.69
C ILE B 79 -8.68 -35.44 -1.81
N GLU B 80 -8.63 -34.80 -2.97
CA GLU B 80 -9.29 -35.29 -4.16
C GLU B 80 -8.75 -36.63 -4.61
N LYS B 81 -7.43 -36.76 -4.66
CA LYS B 81 -6.82 -38.02 -5.08
C LYS B 81 -7.13 -39.13 -4.08
N LEU B 82 -7.00 -38.79 -2.81
CA LEU B 82 -7.27 -39.73 -1.73
C LEU B 82 -8.73 -40.17 -1.68
N ILE B 83 -9.64 -39.24 -1.93
CA ILE B 83 -11.03 -39.62 -1.86
C ILE B 83 -11.43 -40.55 -2.98
N GLN B 84 -10.80 -40.36 -4.14
CA GLN B 84 -11.05 -41.20 -5.33
C GLN B 84 -10.57 -42.61 -5.04
N ASN B 85 -9.58 -42.72 -4.17
CA ASN B 85 -9.07 -44.01 -3.75
C ASN B 85 -10.14 -44.69 -2.90
N ILE B 86 -10.81 -43.92 -2.03
CA ILE B 86 -11.91 -44.48 -1.22
C ILE B 86 -13.04 -44.92 -2.15
N MET B 87 -13.30 -44.11 -3.17
CA MET B 87 -14.33 -44.39 -4.16
C MET B 87 -14.04 -45.71 -4.85
N ARG B 88 -12.78 -45.94 -5.23
CA ARG B 88 -12.39 -47.19 -5.88
C ARG B 88 -12.54 -48.40 -4.97
N ILE B 89 -12.12 -48.25 -3.71
CA ILE B 89 -12.23 -49.31 -2.72
C ILE B 89 -13.71 -49.68 -2.59
N ALA B 90 -14.55 -48.65 -2.48
CA ALA B 90 -15.98 -48.82 -2.39
C ALA B 90 -16.50 -49.64 -3.57
N ARG B 91 -16.02 -49.35 -4.78
CA ARG B 91 -16.47 -50.09 -5.95
C ARG B 91 -15.90 -51.52 -6.01
N GLU B 92 -14.67 -51.71 -5.55
CA GLU B 92 -14.01 -53.04 -5.52
C GLU B 92 -14.72 -53.95 -4.51
N THR B 93 -15.21 -53.33 -3.43
CA THR B 93 -15.94 -54.03 -2.39
C THR B 93 -17.27 -54.46 -2.94
N ASN B 94 -17.87 -53.54 -3.69
CA ASN B 94 -19.17 -53.73 -4.29
C ASN B 94 -19.31 -54.92 -5.21
N ILE B 95 -18.36 -55.17 -6.10
CA ILE B 95 -18.57 -56.33 -6.93
C ILE B 95 -18.19 -57.62 -6.30
N LEU B 96 -17.30 -57.58 -5.32
CA LEU B 96 -16.92 -58.80 -4.64
C LEU B 96 -18.17 -59.29 -3.92
N ALA B 97 -18.89 -58.35 -3.31
CA ALA B 97 -20.13 -58.68 -2.60
C ALA B 97 -21.17 -59.16 -3.59
N LEU B 98 -21.40 -58.39 -4.65
CA LEU B 98 -22.36 -58.75 -5.68
C LEU B 98 -22.10 -60.17 -6.21
N ASN B 99 -20.87 -60.46 -6.59
CA ASN B 99 -20.52 -61.78 -7.09
C ASN B 99 -20.61 -62.83 -5.99
N ALA B 100 -20.38 -62.42 -4.75
CA ALA B 100 -20.47 -63.33 -3.60
C ALA B 100 -21.91 -63.76 -3.44
N THR B 101 -22.81 -62.78 -3.56
CA THR B 101 -24.24 -63.01 -3.47
C THR B 101 -24.66 -64.00 -4.58
N ILE B 102 -24.29 -63.69 -5.82
CA ILE B 102 -24.62 -64.56 -6.94
C ILE B 102 -24.27 -65.99 -6.59
N GLU B 103 -23.04 -66.21 -6.14
CA GLU B 103 -22.58 -67.54 -5.78
C GLU B 103 -23.35 -68.12 -4.59
N ALA B 104 -23.68 -67.26 -3.64
CA ALA B 104 -24.42 -67.65 -2.44
C ALA B 104 -25.72 -68.32 -2.87
N ALA B 105 -26.47 -67.64 -3.73
CA ALA B 105 -27.72 -68.15 -4.25
C ALA B 105 -27.51 -69.48 -4.95
N ARG B 106 -26.32 -69.70 -5.48
CA ARG B 106 -25.99 -70.94 -6.17
C ARG B 106 -26.09 -72.10 -5.17
N ALA B 107 -25.50 -71.88 -3.99
CA ALA B 107 -25.54 -72.88 -2.93
C ALA B 107 -26.95 -72.81 -2.33
N GLY B 108 -27.33 -73.81 -1.54
CA GLY B 108 -28.65 -73.82 -0.97
C GLY B 108 -28.96 -72.90 0.20
N GLU B 109 -29.36 -73.52 1.31
CA GLU B 109 -29.72 -72.82 2.54
C GLU B 109 -28.60 -72.05 3.21
N ALA B 110 -27.42 -72.68 3.31
CA ALA B 110 -26.26 -72.05 3.94
C ALA B 110 -25.95 -70.69 3.31
N GLY B 111 -26.14 -70.61 2.00
CA GLY B 111 -25.87 -69.40 1.28
C GLY B 111 -26.60 -68.19 1.81
N LYS B 112 -27.85 -68.40 2.23
CA LYS B 112 -28.69 -67.34 2.78
C LYS B 112 -28.03 -66.43 3.79
N GLY B 113 -27.33 -67.02 4.75
CA GLY B 113 -26.63 -66.23 5.74
C GLY B 113 -25.69 -65.29 5.01
N PHE B 114 -24.81 -65.84 4.19
CA PHE B 114 -23.88 -65.04 3.44
C PHE B 114 -24.58 -64.06 2.50
N MET B 115 -25.65 -64.55 1.88
CA MET B 115 -26.44 -63.75 0.96
C MET B 115 -26.99 -62.51 1.64
N ILE B 116 -27.47 -62.67 2.87
CA ILE B 116 -27.99 -61.54 3.62
C ILE B 116 -26.86 -60.54 3.82
N VAL B 117 -25.73 -61.03 4.31
CA VAL B 117 -24.54 -60.23 4.58
C VAL B 117 -23.96 -59.55 3.35
N ALA B 118 -23.89 -60.31 2.26
CA ALA B 118 -23.36 -59.74 1.02
C ALA B 118 -24.23 -58.57 0.57
N ASN B 119 -25.55 -58.74 0.73
CA ASN B 119 -26.52 -57.73 0.36
C ASN B 119 -26.29 -56.42 1.13
N GLU B 120 -25.89 -56.54 2.40
CA GLU B 120 -25.66 -55.35 3.21
C GLU B 120 -24.31 -54.72 2.89
N VAL B 121 -23.34 -55.54 2.51
CA VAL B 121 -22.03 -55.00 2.17
C VAL B 121 -22.19 -54.14 0.93
N GLN B 122 -23.12 -54.53 0.07
CA GLN B 122 -23.39 -53.78 -1.13
C GLN B 122 -23.93 -52.40 -0.79
N ASN B 123 -25.10 -52.34 -0.15
CA ASN B 123 -25.73 -51.08 0.27
C ASN B 123 -24.75 -50.14 0.99
N LEU B 124 -23.87 -50.71 1.80
CA LEU B 124 -22.88 -49.92 2.52
C LEU B 124 -21.87 -49.30 1.53
N SER B 125 -21.57 -50.05 0.47
CA SER B 125 -20.65 -49.59 -0.58
C SER B 125 -21.28 -48.44 -1.34
N ASN B 126 -22.53 -48.63 -1.76
CA ASN B 126 -23.24 -47.60 -2.51
C ASN B 126 -23.46 -46.37 -1.64
N GLU B 127 -23.51 -46.56 -0.31
CA GLU B 127 -23.69 -45.44 0.59
C GLU B 127 -22.38 -44.70 0.66
N THR B 128 -21.27 -45.44 0.71
CA THR B 128 -19.93 -44.85 0.76
C THR B 128 -19.71 -43.96 -0.44
N ASN B 129 -20.04 -44.50 -1.63
CA ASN B 129 -19.90 -43.77 -2.90
C ASN B 129 -20.59 -42.41 -2.84
N GLU B 130 -21.76 -42.41 -2.22
CA GLU B 130 -22.56 -41.22 -2.04
C GLU B 130 -21.81 -40.17 -1.26
N VAL B 131 -21.23 -40.57 -0.12
CA VAL B 131 -20.49 -39.63 0.72
C VAL B 131 -19.28 -39.07 -0.02
N THR B 132 -18.73 -39.91 -0.90
CA THR B 132 -17.57 -39.55 -1.69
C THR B 132 -17.97 -38.37 -2.57
N LYS B 133 -19.01 -38.56 -3.38
CA LYS B 133 -19.47 -37.50 -4.27
C LYS B 133 -19.88 -36.20 -3.54
N GLN B 134 -20.21 -36.30 -2.26
CA GLN B 134 -20.57 -35.11 -1.49
C GLN B 134 -19.33 -34.38 -1.05
N ILE B 135 -18.28 -35.14 -0.75
CA ILE B 135 -17.02 -34.59 -0.33
C ILE B 135 -16.42 -33.90 -1.54
N VAL B 136 -16.52 -34.55 -2.70
CA VAL B 136 -16.00 -33.96 -3.91
C VAL B 136 -16.66 -32.62 -4.14
N GLU B 137 -17.95 -32.53 -3.86
CA GLU B 137 -18.68 -31.28 -4.03
C GLU B 137 -18.04 -30.15 -3.19
N LYS B 138 -17.82 -30.41 -1.90
CA LYS B 138 -17.20 -29.41 -1.04
C LYS B 138 -15.76 -29.14 -1.50
N ALA B 139 -15.14 -30.15 -2.12
CA ALA B 139 -13.78 -29.98 -2.61
C ALA B 139 -13.78 -28.97 -3.74
N ARG B 140 -14.81 -29.03 -4.59
CA ARG B 140 -14.91 -28.10 -5.71
C ARG B 140 -15.31 -26.70 -5.28
N GLU B 141 -15.98 -26.57 -4.14
CA GLU B 141 -16.36 -25.24 -3.64
C GLU B 141 -15.09 -24.58 -3.08
N ILE B 142 -14.25 -25.38 -2.42
CA ILE B 142 -13.00 -24.88 -1.86
C ILE B 142 -12.09 -24.44 -2.99
N LEU B 143 -12.18 -25.14 -4.11
CA LEU B 143 -11.41 -24.78 -5.31
C LEU B 143 -11.90 -23.44 -5.82
N GLU B 144 -13.22 -23.28 -5.89
CA GLU B 144 -13.86 -22.07 -6.37
C GLU B 144 -13.55 -20.90 -5.44
N SER B 145 -13.64 -21.15 -4.14
CA SER B 145 -13.36 -20.16 -3.11
C SER B 145 -11.93 -19.64 -3.27
N SER B 146 -10.97 -20.56 -3.36
CA SER B 146 -9.56 -20.21 -3.50
C SER B 146 -9.29 -19.33 -4.70
N GLN B 147 -9.83 -19.72 -5.85
CA GLN B 147 -9.64 -18.96 -7.09
C GLN B 147 -10.11 -17.53 -6.88
N ARG B 148 -11.29 -17.36 -6.31
CA ARG B 148 -11.80 -16.02 -6.05
C ARG B 148 -10.89 -15.25 -5.11
N SER B 149 -10.28 -15.96 -4.15
CA SER B 149 -9.36 -15.34 -3.21
C SER B 149 -8.14 -14.77 -3.95
N LEU B 150 -7.47 -15.61 -4.74
CA LEU B 150 -6.30 -15.21 -5.52
C LEU B 150 -6.61 -14.01 -6.43
N GLU B 151 -7.72 -14.06 -7.17
CA GLU B 151 -8.10 -12.98 -8.07
C GLU B 151 -8.36 -11.72 -7.29
N ASN B 152 -8.93 -11.87 -6.10
CA ASN B 152 -9.22 -10.73 -5.25
C ASN B 152 -7.87 -10.13 -4.80
N LEU B 153 -6.91 -11.01 -4.51
CA LEU B 153 -5.57 -10.57 -4.11
C LEU B 153 -4.82 -9.88 -5.23
N GLU B 154 -5.05 -10.29 -6.48
CA GLU B 154 -4.38 -9.66 -7.62
C GLU B 154 -5.01 -8.29 -7.87
N PHE B 155 -6.30 -8.19 -7.55
CA PHE B 155 -7.05 -6.93 -7.67
C PHE B 155 -6.54 -5.95 -6.62
N MET B 156 -5.98 -6.51 -5.54
CA MET B 156 -5.42 -5.70 -4.48
C MET B 156 -4.06 -5.17 -4.88
N ALA B 157 -3.24 -6.03 -5.47
CA ALA B 157 -1.91 -5.62 -5.91
C ALA B 157 -1.96 -4.50 -6.98
N ASN B 158 -2.79 -4.70 -8.00
CA ASN B 158 -2.94 -3.71 -9.07
C ASN B 158 -3.25 -2.33 -8.53
N LEU B 159 -4.26 -2.26 -7.67
CA LEU B 159 -4.68 -1.01 -7.06
C LEU B 159 -3.65 -0.40 -6.13
N PHE B 160 -2.84 -1.25 -5.50
CA PHE B 160 -1.81 -0.78 -4.59
C PHE B 160 -0.59 -0.20 -5.30
N GLU B 161 -0.50 -0.48 -6.60
CA GLU B 161 0.59 0.02 -7.45
C GLU B 161 0.67 1.56 -7.42
N THR B 162 -0.49 2.18 -7.64
CA THR B 162 -0.58 3.64 -7.65
C THR B 162 -0.25 4.21 -6.28
N VAL B 163 -0.61 3.47 -5.24
CA VAL B 163 -0.34 3.92 -3.89
C VAL B 163 1.18 4.00 -3.66
N GLY B 164 1.91 3.05 -4.24
CA GLY B 164 3.36 3.07 -4.11
C GLY B 164 3.96 4.25 -4.89
N LYS B 165 3.51 4.40 -6.14
CA LYS B 165 3.98 5.48 -7.03
C LYS B 165 3.78 6.90 -6.50
N THR B 166 2.55 7.18 -6.04
CA THR B 166 2.20 8.49 -5.51
C THR B 166 3.03 8.89 -4.28
N LEU B 167 3.38 7.93 -3.43
CA LEU B 167 4.18 8.21 -2.25
C LEU B 167 5.62 8.53 -2.65
N GLN B 168 6.14 7.83 -3.66
CA GLN B 168 7.48 8.09 -4.17
C GLN B 168 7.54 9.50 -4.76
N ASN B 169 6.48 9.89 -5.49
CA ASN B 169 6.41 11.22 -6.08
C ASN B 169 6.31 12.28 -5.00
N MET B 170 5.81 11.90 -3.83
CA MET B 170 5.66 12.81 -2.70
C MET B 170 7.02 13.16 -2.10
N VAL B 171 7.83 12.12 -1.87
CA VAL B 171 9.17 12.28 -1.35
C VAL B 171 9.92 13.18 -2.30
N ARG B 172 9.81 12.88 -3.61
CA ARG B 172 10.48 13.68 -4.64
C ARG B 172 10.10 15.14 -4.58
N PHE B 173 8.81 15.41 -4.65
CA PHE B 173 8.29 16.76 -4.61
C PHE B 173 8.84 17.48 -3.39
N MET B 174 8.78 16.82 -2.24
CA MET B 174 9.25 17.32 -0.96
C MET B 174 10.69 17.76 -0.92
N GLU B 175 11.53 17.02 -1.63
CA GLU B 175 12.96 17.30 -1.73
C GLU B 175 13.18 18.56 -2.54
N ASN B 176 12.46 18.65 -3.65
CA ASN B 176 12.56 19.79 -4.54
C ASN B 176 12.04 21.11 -3.97
N ILE B 177 10.96 21.08 -3.17
CA ILE B 177 10.43 22.31 -2.57
C ILE B 177 11.30 22.77 -1.39
N VAL B 178 11.91 21.83 -0.67
CA VAL B 178 12.81 22.19 0.42
C VAL B 178 13.93 22.97 -0.29
N LYS B 179 14.44 22.40 -1.38
CA LYS B 179 15.49 23.04 -2.17
C LYS B 179 15.05 24.39 -2.72
N LEU B 180 13.81 24.46 -3.19
CA LEU B 180 13.29 25.70 -3.72
C LEU B 180 13.33 26.73 -2.63
N LEU B 181 12.83 26.37 -1.44
CA LEU B 181 12.79 27.27 -0.29
C LEU B 181 14.12 27.81 0.08
N GLN B 182 15.11 26.92 0.15
CA GLN B 182 16.48 27.31 0.49
C GLN B 182 17.00 28.37 -0.45
N GLU B 183 16.84 28.16 -1.76
CA GLU B 183 17.27 29.16 -2.73
C GLU B 183 16.54 30.51 -2.49
N VAL B 184 15.27 30.48 -2.14
CA VAL B 184 14.57 31.73 -1.89
C VAL B 184 15.23 32.43 -0.70
N ARG B 185 15.24 31.75 0.44
CA ARG B 185 15.82 32.28 1.68
C ARG B 185 17.22 32.75 1.43
N ASN B 186 17.96 31.93 0.70
CA ASN B 186 19.33 32.26 0.39
C ASN B 186 19.48 33.53 -0.46
N SER B 187 18.55 33.76 -1.37
CA SER B 187 18.59 34.92 -2.24
C SER B 187 18.13 36.19 -1.50
N LEU B 188 17.27 36.03 -0.49
CA LEU B 188 16.80 37.20 0.25
C LEU B 188 17.88 37.71 1.20
N ASP B 189 18.57 36.78 1.86
CA ASP B 189 19.63 37.13 2.79
C ASP B 189 20.76 37.84 2.05
N THR B 190 21.34 37.15 1.07
CA THR B 190 22.42 37.69 0.27
C THR B 190 22.10 39.06 -0.29
N SER B 191 20.84 39.23 -0.69
CA SER B 191 20.41 40.49 -1.27
C SER B 191 20.23 41.56 -0.23
N LYS B 192 19.56 41.20 0.86
CA LYS B 192 19.33 42.15 1.92
C LYS B 192 20.67 42.68 2.39
N GLU B 193 21.57 41.76 2.73
CA GLU B 193 22.89 42.11 3.22
C GLU B 193 23.67 43.09 2.36
N SER B 194 23.83 42.79 1.08
CA SER B 194 24.56 43.69 0.21
C SER B 194 23.83 45.02 0.02
N LEU B 195 22.50 44.99 0.04
CA LEU B 195 21.74 46.22 -0.13
C LEU B 195 21.81 47.11 1.09
N SER B 196 21.89 46.48 2.27
CA SER B 196 21.97 47.24 3.51
C SER B 196 23.36 47.87 3.62
N GLU B 197 24.36 47.07 3.27
CA GLU B 197 25.74 47.52 3.27
C GLU B 197 25.93 48.71 2.33
N LYS B 198 25.23 48.66 1.20
CA LYS B 198 25.32 49.72 0.21
C LYS B 198 24.78 51.01 0.76
N SER B 199 23.60 50.99 1.37
CA SER B 199 23.01 52.20 1.92
C SER B 199 23.83 52.71 3.10
N ALA B 200 24.56 51.80 3.73
CA ALA B 200 25.41 52.18 4.85
C ALA B 200 26.54 53.04 4.28
N GLU B 201 27.12 52.56 3.18
CA GLU B 201 28.21 53.27 2.50
C GLU B 201 27.75 54.61 1.96
N ILE B 202 26.48 54.67 1.56
CA ILE B 202 25.87 55.90 1.02
C ILE B 202 25.61 56.91 2.14
N ASP B 203 25.02 56.43 3.26
CA ASP B 203 24.73 57.29 4.42
C ASP B 203 26.02 57.90 4.96
N SER B 204 27.04 57.07 5.13
CA SER B 204 28.33 57.54 5.63
C SER B 204 28.82 58.70 4.76
N ALA B 205 28.87 58.45 3.44
CA ALA B 205 29.30 59.46 2.49
C ALA B 205 28.51 60.75 2.69
N THR B 206 27.21 60.61 2.94
CA THR B 206 26.35 61.78 3.15
C THR B 206 26.70 62.51 4.44
N LYS B 207 26.96 61.76 5.51
CA LYS B 207 27.32 62.34 6.80
C LYS B 207 28.51 63.28 6.57
N VAL B 208 29.42 62.85 5.70
CA VAL B 208 30.61 63.63 5.34
C VAL B 208 30.22 64.96 4.71
N LEU B 209 29.23 64.92 3.83
CA LEU B 209 28.76 66.12 3.14
C LEU B 209 28.33 67.21 4.12
N GLU B 210 27.43 66.86 5.03
CA GLU B 210 26.92 67.81 6.03
C GLU B 210 27.98 68.14 7.09
N GLU B 211 28.77 67.14 7.46
CA GLU B 211 29.82 67.25 8.48
C GLU B 211 30.78 68.41 8.21
N THR B 212 31.17 68.58 6.94
CA THR B 212 32.08 69.66 6.55
C THR B 212 31.85 70.10 5.11
#